data_1PZJ
#
_entry.id   1PZJ
#
_cell.length_a   101.754
_cell.length_b   65.998
_cell.length_c   77.362
_cell.angle_alpha   90.00
_cell.angle_beta   105.44
_cell.angle_gamma   90.00
#
_symmetry.space_group_name_H-M   'C 1 2 1'
#
loop_
_entity.id
_entity.type
_entity.pdbx_description
1 polymer 'Cholera Toxin B Subunit'
2 non-polymer N-{3-[4-(3-AMINO-PROPYL)-PIPERAZIN-1-YL]-PROPYL}-3-NITRO-5-(GALACTOPYRANOSYL)-BETA-BENZAMIDE
3 non-polymer N-{3-[4-(3-AMINO-PROPYL)-PIPERAZIN-1-YL]-PROPYL}-3-NITRO-5-(GALACTOPYRANOSYL)-ALPHA-BENZAMIDE
4 water water
#
_entity_poly.entity_id   1
_entity_poly.type   'polypeptide(L)'
_entity_poly.pdbx_seq_one_letter_code
;TPQNITDLCAEYHNTQIHTLNDKIFSYTESLAGKREMAIITFKNGATFQVEVPGSQHIDSQKKAIERMKDTLRIAYLTEA
KVEKLCVWNNKTPHAIAAISMAN
;
_entity_poly.pdbx_strand_id   D,E,F,G,H
#
loop_
_chem_comp.id
_chem_comp.type
_chem_comp.name
_chem_comp.formula
15B non-polymer N-{3-[4-(3-AMINO-PROPYL)-PIPERAZIN-1-YL]-PROPYL}-3-NITRO-5-(GALACTOPYRANOSYL)-BETA-BENZAMIDE 'C23 H37 N5 O9'
J15 non-polymer N-{3-[4-(3-AMINO-PROPYL)-PIPERAZIN-1-YL]-PROPYL}-3-NITRO-5-(GALACTOPYRANOSYL)-ALPHA-BENZAMIDE 'C23 H37 N5 O9'
#
# COMPACT_ATOMS: atom_id res chain seq x y z
N THR A 1 5.13 25.67 -5.88
CA THR A 1 4.88 26.76 -4.92
C THR A 1 3.39 27.09 -4.72
N PRO A 2 2.46 26.60 -5.55
CA PRO A 2 1.05 26.99 -5.35
C PRO A 2 0.60 26.52 -3.99
N GLN A 3 -0.41 27.14 -3.40
CA GLN A 3 -0.86 26.76 -2.05
C GLN A 3 -2.19 25.98 -2.06
N ASN A 4 -2.77 25.79 -3.23
CA ASN A 4 -4.02 25.04 -3.33
C ASN A 4 -4.22 24.58 -4.77
N ILE A 5 -5.20 23.72 -4.94
CA ILE A 5 -5.44 23.08 -6.22
C ILE A 5 -5.83 24.09 -7.31
N THR A 6 -6.55 25.14 -6.95
CA THR A 6 -7.02 26.09 -7.96
C THR A 6 -5.84 26.84 -8.53
N ASP A 7 -4.93 27.24 -7.65
CA ASP A 7 -3.74 27.96 -8.08
C ASP A 7 -2.79 27.06 -8.89
N LEU A 8 -2.69 25.79 -8.50
CA LEU A 8 -1.88 24.84 -9.24
C LEU A 8 -2.47 24.63 -10.63
N CYS A 9 -3.78 24.42 -10.70
CA CYS A 9 -4.45 24.20 -11.96
C CYS A 9 -4.23 25.33 -12.95
N ALA A 10 -4.20 26.54 -12.42
CA ALA A 10 -4.08 27.73 -13.24
C ALA A 10 -2.71 27.87 -13.91
N GLU A 11 -1.75 27.07 -13.48
CA GLU A 11 -0.42 27.11 -14.07
C GLU A 11 -0.33 26.37 -15.41
N TYR A 12 -1.38 25.65 -15.79
CA TYR A 12 -1.32 24.81 -16.98
C TYR A 12 -2.33 25.26 -18.03
N HIS A 13 -1.99 24.95 -19.28
CA HIS A 13 -2.90 25.19 -20.39
C HIS A 13 -3.94 24.08 -20.48
N ASN A 14 -5.11 24.42 -20.99
CA ASN A 14 -6.16 23.43 -21.24
C ASN A 14 -6.63 22.73 -19.97
N THR A 15 -6.69 23.44 -18.86
CA THR A 15 -7.25 22.87 -17.64
C THR A 15 -8.42 23.66 -17.11
N GLN A 16 -9.17 23.00 -16.23
CA GLN A 16 -10.22 23.64 -15.47
C GLN A 16 -10.44 22.88 -14.18
N ILE A 17 -11.01 23.60 -13.22
CA ILE A 17 -11.48 23.02 -11.98
C ILE A 17 -12.93 22.60 -12.13
N HIS A 18 -13.21 21.38 -11.67
CA HIS A 18 -14.56 20.90 -11.38
C HIS A 18 -14.67 20.82 -9.86
N THR A 19 -15.79 21.31 -9.32
CA THR A 19 -16.07 21.20 -7.91
C THR A 19 -17.13 20.14 -7.73
N LEU A 20 -16.78 19.11 -6.98
CA LEU A 20 -17.69 17.99 -6.72
C LEU A 20 -18.32 18.02 -5.35
N ASN A 21 -17.50 18.20 -4.31
CA ASN A 21 -17.95 18.11 -2.93
C ASN A 21 -18.86 16.91 -2.69
N ASP A 22 -18.36 15.75 -3.14
CA ASP A 22 -19.11 14.51 -3.09
C ASP A 22 -18.15 13.35 -3.16
N LYS A 23 -18.59 12.20 -2.63
CA LYS A 23 -17.83 10.97 -2.76
C LYS A 23 -17.90 10.45 -4.19
N ILE A 24 -16.95 9.59 -4.52
CA ILE A 24 -16.93 8.95 -5.85
C ILE A 24 -18.04 7.93 -5.92
N PHE A 25 -18.80 7.97 -7.02
CA PHE A 25 -19.90 7.05 -7.24
C PHE A 25 -19.41 5.68 -7.74
N SER A 26 -18.48 5.67 -8.67
CA SER A 26 -17.93 4.42 -9.16
C SER A 26 -16.44 4.57 -9.46
N TYR A 27 -15.74 3.45 -9.33
CA TYR A 27 -14.30 3.37 -9.59
C TYR A 27 -14.08 2.18 -10.50
N THR A 28 -13.41 2.42 -11.63
CA THR A 28 -13.12 1.42 -12.63
C THR A 28 -11.63 1.45 -12.91
N GLU A 29 -11.03 0.27 -13.02
CA GLU A 29 -9.64 0.20 -13.45
C GLU A 29 -9.43 -0.99 -14.37
N SER A 30 -8.48 -0.83 -15.27
CA SER A 30 -8.21 -1.78 -16.34
C SER A 30 -6.72 -2.09 -16.43
N LEU A 31 -6.45 -3.37 -16.69
CA LEU A 31 -5.10 -3.81 -16.99
C LEU A 31 -4.94 -4.19 -18.46
N ALA A 32 -5.94 -3.93 -19.27
CA ALA A 32 -5.89 -4.31 -20.66
C ALA A 32 -4.85 -3.47 -21.39
N GLY A 33 -4.16 -4.07 -22.35
CA GLY A 33 -3.04 -3.41 -22.99
C GLY A 33 -3.46 -2.17 -23.74
N LYS A 34 -2.72 -1.10 -23.51
CA LYS A 34 -2.96 0.24 -24.04
C LYS A 34 -4.16 0.94 -23.39
N ARG A 35 -4.80 0.29 -22.41
CA ARG A 35 -5.85 0.91 -21.63
C ARG A 35 -5.63 0.69 -20.15
N GLU A 36 -4.36 0.83 -19.72
CA GLU A 36 -4.01 0.71 -18.32
C GLU A 36 -4.33 2.05 -17.67
N MET A 37 -5.55 2.16 -17.16
CA MET A 37 -6.14 3.43 -16.76
C MET A 37 -7.15 3.23 -15.67
N ALA A 38 -7.62 4.34 -15.11
CA ALA A 38 -8.75 4.32 -14.19
C ALA A 38 -9.78 5.32 -14.64
N ILE A 39 -11.03 5.02 -14.34
CA ILE A 39 -12.15 5.90 -14.65
C ILE A 39 -12.98 6.03 -13.41
N ILE A 40 -13.30 7.27 -13.02
CA ILE A 40 -14.23 7.48 -11.91
C ILE A 40 -15.45 8.26 -12.37
N THR A 41 -16.57 8.04 -11.67
CA THR A 41 -17.74 8.89 -11.89
C THR A 41 -18.30 9.37 -10.57
N PHE A 42 -19.14 10.39 -10.69
CA PHE A 42 -19.88 10.97 -9.59
C PHE A 42 -21.37 10.85 -9.89
N LYS A 43 -22.21 10.92 -8.86
CA LYS A 43 -23.63 10.67 -9.05
C LYS A 43 -24.29 11.70 -9.94
N ASN A 44 -23.64 12.84 -10.16
CA ASN A 44 -24.14 13.86 -11.08
C ASN A 44 -23.88 13.53 -12.56
N GLY A 45 -23.30 12.37 -12.81
CA GLY A 45 -23.01 11.93 -14.17
C GLY A 45 -21.62 12.22 -14.67
N ALA A 46 -20.85 13.02 -13.94
CA ALA A 46 -19.52 13.40 -14.41
C ALA A 46 -18.60 12.19 -14.38
N THR A 47 -17.79 12.10 -15.42
CA THR A 47 -16.84 11.03 -15.63
C THR A 47 -15.45 11.60 -15.88
N PHE A 48 -14.45 11.02 -15.24
CA PHE A 48 -13.07 11.46 -15.36
C PHE A 48 -12.14 10.27 -15.49
N GLN A 49 -11.02 10.46 -16.17
CA GLN A 49 -10.02 9.42 -16.30
C GLN A 49 -8.70 9.83 -15.67
N VAL A 50 -7.95 8.80 -15.26
CA VAL A 50 -6.50 8.91 -15.16
C VAL A 50 -5.96 8.32 -16.44
N GLU A 51 -5.29 9.15 -17.23
CA GLU A 51 -4.87 8.71 -18.56
C GLU A 51 -3.86 7.57 -18.47
N VAL A 52 -3.87 6.76 -19.52
CA VAL A 52 -2.79 5.81 -19.75
C VAL A 52 -1.49 6.60 -19.91
N PRO A 53 -0.41 6.15 -19.29
CA PRO A 53 0.87 6.87 -19.47
C PRO A 53 1.23 6.91 -20.93
N GLY A 54 1.56 8.10 -21.40
CA GLY A 54 1.88 8.33 -22.81
C GLY A 54 3.08 9.26 -22.99
N SER A 55 3.44 9.51 -24.24
CA SER A 55 4.60 10.35 -24.48
C SER A 55 4.36 11.81 -24.14
N GLN A 56 3.11 12.17 -23.87
CA GLN A 56 2.84 13.52 -23.42
C GLN A 56 3.41 13.71 -22.02
N HIS A 57 3.48 12.63 -21.24
CA HIS A 57 3.91 12.65 -19.84
C HIS A 57 5.41 12.69 -19.72
N ILE A 58 5.90 13.53 -18.82
CA ILE A 58 7.33 13.61 -18.58
C ILE A 58 7.67 12.57 -17.54
N ASP A 59 8.95 12.26 -17.44
CA ASP A 59 9.35 11.12 -16.66
C ASP A 59 8.86 11.22 -15.20
N SER A 60 8.88 12.41 -14.63
CA SER A 60 8.50 12.55 -13.22
C SER A 60 6.99 12.35 -12.96
N GLN A 61 6.18 12.40 -14.00
CA GLN A 61 4.76 12.19 -13.80
C GLN A 61 4.37 10.72 -13.69
N LYS A 62 5.20 9.82 -14.19
CA LYS A 62 4.85 8.40 -14.22
C LYS A 62 4.56 7.86 -12.80
N LYS A 63 5.42 8.18 -11.82
CA LYS A 63 5.19 7.76 -10.44
C LYS A 63 3.92 8.40 -9.90
N ALA A 64 3.68 9.64 -10.26
CA ALA A 64 2.53 10.38 -9.74
C ALA A 64 1.22 9.84 -10.32
N ILE A 65 1.26 9.35 -11.54
CA ILE A 65 0.09 8.71 -12.15
C ILE A 65 -0.29 7.47 -11.36
N GLU A 66 0.70 6.66 -11.00
CA GLU A 66 0.42 5.46 -10.21
C GLU A 66 -0.16 5.84 -8.86
N ARG A 67 0.40 6.87 -8.23
CA ARG A 67 -0.09 7.33 -6.95
C ARG A 67 -1.55 7.80 -7.05
N MET A 68 -1.90 8.51 -8.12
CA MET A 68 -3.24 9.05 -8.26
C MET A 68 -4.24 7.90 -8.31
N LYS A 69 -3.92 6.84 -9.07
CA LYS A 69 -4.83 5.72 -9.12
C LYS A 69 -4.98 5.06 -7.74
N ASP A 70 -3.89 4.97 -6.97
CA ASP A 70 -3.97 4.50 -5.57
C ASP A 70 -4.92 5.39 -4.76
N THR A 71 -4.78 6.70 -4.91
CA THR A 71 -5.58 7.67 -4.18
C THR A 71 -7.06 7.56 -4.52
N LEU A 72 -7.38 7.45 -5.81
CA LEU A 72 -8.77 7.38 -6.22
C LEU A 72 -9.39 6.08 -5.66
N ARG A 73 -8.65 4.97 -5.72
CA ARG A 73 -9.21 3.72 -5.21
C ARG A 73 -9.53 3.81 -3.72
N ILE A 74 -8.60 4.32 -2.92
CA ILE A 74 -8.85 4.36 -1.47
C ILE A 74 -9.88 5.45 -1.12
N ALA A 75 -9.89 6.55 -1.87
CA ALA A 75 -10.94 7.53 -1.71
C ALA A 75 -12.31 6.90 -1.95
N TYR A 76 -12.42 6.15 -3.05
CA TYR A 76 -13.68 5.48 -3.36
C TYR A 76 -14.09 4.56 -2.21
N LEU A 77 -13.17 3.72 -1.74
CA LEU A 77 -13.53 2.69 -0.78
C LEU A 77 -13.86 3.27 0.58
N THR A 78 -13.27 4.41 0.92
CA THR A 78 -13.55 5.05 2.21
C THR A 78 -14.70 6.08 2.12
N GLU A 79 -15.23 6.28 0.92
CA GLU A 79 -16.31 7.25 0.68
C GLU A 79 -15.87 8.65 1.07
N ALA A 80 -14.59 8.94 0.84
CA ALA A 80 -14.06 10.27 1.12
C ALA A 80 -14.66 11.29 0.15
N LYS A 81 -15.07 12.43 0.69
CA LYS A 81 -15.54 13.52 -0.16
C LYS A 81 -14.40 14.11 -0.98
N VAL A 82 -14.61 14.15 -2.29
CA VAL A 82 -13.70 14.86 -3.20
C VAL A 82 -14.22 16.28 -3.28
N GLU A 83 -13.33 17.22 -2.98
CA GLU A 83 -13.66 18.63 -3.07
C GLU A 83 -13.60 19.07 -4.53
N LYS A 84 -12.40 19.13 -5.09
CA LYS A 84 -12.20 19.54 -6.46
C LYS A 84 -11.32 18.58 -7.25
N LEU A 85 -11.51 18.60 -8.56
CA LEU A 85 -10.54 18.03 -9.48
C LEU A 85 -10.05 19.11 -10.43
N CYS A 86 -8.74 19.13 -10.64
CA CYS A 86 -8.14 19.86 -11.74
C CYS A 86 -8.00 18.86 -12.87
N VAL A 87 -8.53 19.22 -14.05
CA VAL A 87 -8.49 18.32 -15.20
C VAL A 87 -8.00 19.02 -16.44
N TRP A 88 -7.43 18.25 -17.35
CA TRP A 88 -7.23 18.70 -18.73
C TRP A 88 -8.52 18.46 -19.48
N ASN A 89 -8.98 19.49 -20.17
CA ASN A 89 -10.25 19.46 -20.88
C ASN A 89 -10.08 19.25 -22.39
N ASN A 90 -8.86 18.95 -22.81
CA ASN A 90 -8.59 18.55 -24.21
C ASN A 90 -8.52 17.02 -24.37
N LYS A 91 -9.11 16.32 -23.40
CA LYS A 91 -9.25 14.88 -23.44
C LYS A 91 -10.68 14.53 -23.06
N THR A 92 -11.17 13.38 -23.54
CA THR A 92 -12.46 12.88 -23.10
C THR A 92 -12.32 11.42 -22.71
N PRO A 93 -12.77 11.02 -21.52
CA PRO A 93 -13.18 11.89 -20.42
C PRO A 93 -12.11 12.90 -20.03
N HIS A 94 -12.50 13.98 -19.36
CA HIS A 94 -11.49 14.93 -18.87
C HIS A 94 -10.49 14.18 -18.00
N ALA A 95 -9.23 14.56 -18.13
CA ALA A 95 -8.14 13.81 -17.55
C ALA A 95 -7.67 14.48 -16.27
N ILE A 96 -7.62 13.71 -15.20
CA ILE A 96 -7.24 14.24 -13.90
C ILE A 96 -5.78 14.65 -13.85
N ALA A 97 -5.56 15.90 -13.42
CA ALA A 97 -4.25 16.44 -13.11
C ALA A 97 -4.01 16.54 -11.61
N ALA A 98 -5.06 16.81 -10.85
CA ALA A 98 -4.93 16.93 -9.40
C ALA A 98 -6.27 16.71 -8.72
N ILE A 99 -6.21 16.37 -7.43
CA ILE A 99 -7.38 16.14 -6.63
C ILE A 99 -7.21 16.81 -5.28
N SER A 100 -8.31 17.36 -4.77
CA SER A 100 -8.36 17.81 -3.38
C SER A 100 -9.50 17.10 -2.68
N MET A 101 -9.24 16.74 -1.43
CA MET A 101 -10.21 16.09 -0.56
C MET A 101 -10.36 16.96 0.67
N ALA A 102 -11.62 17.24 1.02
CA ALA A 102 -11.97 18.05 2.15
C ALA A 102 -13.46 17.81 2.38
N ASN A 103 -13.88 18.08 3.59
CA ASN A 103 -15.30 18.05 3.94
C ASN A 103 -16.03 19.35 3.64
N THR B 1 21.24 8.45 17.12
CA THR B 1 20.03 8.98 16.43
C THR B 1 19.08 9.76 17.35
N PRO B 2 18.35 10.71 16.79
CA PRO B 2 17.39 11.48 17.58
C PRO B 2 16.27 10.62 18.15
N GLN B 3 15.78 11.01 19.33
CA GLN B 3 14.71 10.29 20.00
C GLN B 3 13.33 10.84 19.72
N ASN B 4 13.26 12.00 19.08
CA ASN B 4 11.98 12.66 18.80
C ASN B 4 12.12 13.65 17.67
N ILE B 5 10.98 14.10 17.16
CA ILE B 5 10.93 14.97 16.00
C ILE B 5 11.58 16.32 16.25
N THR B 6 11.49 16.82 17.46
CA THR B 6 12.04 18.13 17.75
C THR B 6 13.57 18.09 17.67
N ASP B 7 14.18 17.07 18.27
CA ASP B 7 15.63 16.93 18.23
C ASP B 7 16.11 16.64 16.80
N LEU B 8 15.36 15.82 16.07
CA LEU B 8 15.69 15.56 14.67
C LEU B 8 15.70 16.86 13.89
N CYS B 9 14.64 17.64 14.05
CA CYS B 9 14.46 18.88 13.31
C CYS B 9 15.61 19.86 13.51
N ALA B 10 16.05 19.92 14.76
CA ALA B 10 17.13 20.79 15.16
C ALA B 10 18.51 20.46 14.56
N GLU B 11 18.63 19.29 13.95
CA GLU B 11 19.89 18.89 13.30
C GLU B 11 20.11 19.62 11.98
N TYR B 12 19.10 20.31 11.48
CA TYR B 12 19.10 20.92 10.16
C TYR B 12 18.94 22.42 10.23
N HIS B 13 19.55 23.13 9.27
CA HIS B 13 19.32 24.55 9.11
C HIS B 13 18.01 24.78 8.36
N ASN B 14 17.47 25.99 8.52
CA ASN B 14 16.25 26.42 7.85
C ASN B 14 15.05 25.54 8.16
N THR B 15 14.96 25.02 9.38
CA THR B 15 13.78 24.27 9.81
C THR B 15 13.15 24.87 11.03
N GLN B 16 11.89 24.49 11.24
CA GLN B 16 11.19 24.75 12.48
C GLN B 16 10.13 23.70 12.70
N ILE B 17 9.73 23.57 13.95
CA ILE B 17 8.59 22.75 14.34
C ILE B 17 7.32 23.61 14.35
N HIS B 18 6.28 23.08 13.72
CA HIS B 18 4.92 23.57 13.89
C HIS B 18 4.16 22.53 14.71
N THR B 19 3.48 22.97 15.75
CA THR B 19 2.66 22.08 16.53
C THR B 19 1.20 22.24 16.11
N LEU B 20 0.58 21.14 15.68
CA LEU B 20 -0.80 21.18 15.19
C LEU B 20 -1.78 20.59 16.18
N ASN B 21 -1.46 19.40 16.68
CA ASN B 21 -2.37 18.63 17.53
C ASN B 21 -3.79 18.63 16.98
N ASP B 22 -3.87 18.28 15.70
CA ASP B 22 -5.13 18.31 14.98
C ASP B 22 -5.02 17.41 13.76
N LYS B 23 -6.18 16.91 13.31
CA LYS B 23 -6.23 16.14 12.08
C LYS B 23 -6.04 17.09 10.89
N ILE B 24 -5.73 16.50 9.76
CA ILE B 24 -5.59 17.24 8.52
C ILE B 24 -6.97 17.65 7.99
N PHE B 25 -7.10 18.92 7.63
CA PHE B 25 -8.34 19.48 7.10
C PHE B 25 -8.56 19.17 5.60
N SER B 26 -7.52 19.28 4.80
CA SER B 26 -7.62 18.90 3.40
C SER B 26 -6.33 18.29 2.91
N TYR B 27 -6.47 17.44 1.91
CA TYR B 27 -5.35 16.74 1.29
C TYR B 27 -5.46 16.94 -0.22
N THR B 28 -4.40 17.43 -0.84
CA THR B 28 -4.36 17.67 -2.27
C THR B 28 -3.15 16.99 -2.85
N GLU B 29 -3.31 16.35 -4.01
CA GLU B 29 -2.13 15.85 -4.71
C GLU B 29 -2.27 16.02 -6.20
N SER B 30 -1.14 16.19 -6.83
CA SER B 30 -1.03 16.53 -8.24
C SER B 30 -0.08 15.61 -8.97
N LEU B 31 -0.45 15.25 -10.20
CA LEU B 31 0.42 14.56 -11.13
C LEU B 31 0.84 15.47 -12.28
N ALA B 32 0.44 16.74 -12.24
CA ALA B 32 0.85 17.66 -13.31
C ALA B 32 2.36 17.82 -13.35
N GLY B 33 2.90 17.95 -14.56
CA GLY B 33 4.32 17.97 -14.75
C GLY B 33 4.98 19.13 -14.06
N LYS B 34 6.05 18.82 -13.34
CA LYS B 34 6.80 19.79 -12.51
C LYS B 34 6.06 20.21 -11.23
N ARG B 35 4.86 19.66 -11.00
CA ARG B 35 4.13 19.91 -9.75
C ARG B 35 3.62 18.59 -9.20
N GLU B 36 4.49 17.59 -9.20
CA GLU B 36 4.17 16.29 -8.65
C GLU B 36 4.42 16.36 -7.15
N MET B 37 3.40 16.83 -6.46
CA MET B 37 3.50 17.22 -5.07
C MET B 37 2.22 16.92 -4.31
N ALA B 38 2.30 17.07 -2.99
CA ALA B 38 1.12 17.04 -2.13
C ALA B 38 1.07 18.31 -1.32
N ILE B 39 -0.14 18.73 -1.01
CA ILE B 39 -0.38 19.89 -0.17
C ILE B 39 -1.40 19.50 0.87
N ILE B 40 -1.12 19.83 2.13
CA ILE B 40 -2.12 19.62 3.18
C ILE B 40 -2.42 20.93 3.86
N THR B 41 -3.63 21.04 4.42
CA THR B 41 -3.94 22.18 5.28
C THR B 41 -4.57 21.68 6.56
N PHE B 42 -4.57 22.59 7.53
CA PHE B 42 -5.23 22.40 8.81
C PHE B 42 -6.30 23.48 8.97
N LYS B 43 -7.25 23.26 9.86
CA LYS B 43 -8.35 24.18 9.97
C LYS B 43 -7.93 25.54 10.55
N ASN B 44 -6.76 25.62 11.17
CA ASN B 44 -6.16 26.90 11.57
C ASN B 44 -5.61 27.72 10.40
N GLY B 45 -5.76 27.22 9.18
CA GLY B 45 -5.30 27.91 8.00
C GLY B 45 -3.90 27.57 7.51
N ALA B 46 -3.17 26.76 8.28
CA ALA B 46 -1.83 26.44 7.93
C ALA B 46 -1.79 25.50 6.73
N THR B 47 -0.85 25.76 5.84
CA THR B 47 -0.68 24.99 4.62
C THR B 47 0.77 24.51 4.54
N PHE B 48 0.95 23.26 4.12
CA PHE B 48 2.27 22.65 4.00
C PHE B 48 2.35 21.83 2.74
N GLN B 49 3.56 21.68 2.20
CA GLN B 49 3.76 20.86 1.02
C GLN B 49 4.71 19.70 1.28
N VAL B 50 4.56 18.66 0.47
CA VAL B 50 5.67 17.74 0.24
C VAL B 50 6.22 18.18 -1.11
N GLU B 51 7.46 18.68 -1.11
CA GLU B 51 8.05 19.20 -2.33
C GLU B 51 8.14 18.18 -3.44
N VAL B 52 8.12 18.72 -4.65
CA VAL B 52 8.47 17.96 -5.83
C VAL B 52 9.93 17.50 -5.65
N PRO B 53 10.23 16.25 -5.96
CA PRO B 53 11.62 15.80 -5.87
C PRO B 53 12.50 16.65 -6.79
N GLY B 54 13.64 17.08 -6.25
CA GLY B 54 14.52 17.97 -6.97
C GLY B 54 15.98 17.72 -6.68
N SER B 55 16.82 18.54 -7.30
CA SER B 55 18.25 18.33 -7.19
C SER B 55 18.79 18.59 -5.81
N GLN B 56 18.02 19.26 -4.96
CA GLN B 56 18.40 19.45 -3.57
C GLN B 56 18.32 18.16 -2.76
N HIS B 57 17.49 17.22 -3.19
CA HIS B 57 17.32 15.97 -2.49
C HIS B 57 18.41 14.94 -2.83
N ILE B 58 18.89 14.23 -1.83
CA ILE B 58 19.84 13.15 -2.06
C ILE B 58 19.08 11.86 -2.37
N ASP B 59 19.78 10.89 -2.95
CA ASP B 59 19.15 9.68 -3.43
C ASP B 59 18.32 9.00 -2.35
N SER B 60 18.84 8.94 -1.13
CA SER B 60 18.14 8.25 -0.05
C SER B 60 16.82 8.92 0.33
N GLN B 61 16.64 10.18 -0.04
CA GLN B 61 15.39 10.85 0.26
C GLN B 61 14.25 10.48 -0.69
N LYS B 62 14.57 9.93 -1.86
CA LYS B 62 13.51 9.69 -2.87
C LYS B 62 12.40 8.76 -2.36
N LYS B 63 12.77 7.62 -1.77
CA LYS B 63 11.75 6.69 -1.23
C LYS B 63 11.03 7.31 -0.05
N ALA B 64 11.72 8.13 0.73
CA ALA B 64 11.12 8.73 1.93
C ALA B 64 10.11 9.81 1.58
N ILE B 65 10.36 10.53 0.49
CA ILE B 65 9.39 11.49 -0.03
C ILE B 65 8.11 10.76 -0.43
N GLU B 66 8.25 9.67 -1.17
CA GLU B 66 7.06 8.89 -1.53
C GLU B 66 6.33 8.34 -0.28
N ARG B 67 7.08 7.86 0.68
CA ARG B 67 6.48 7.37 1.90
C ARG B 67 5.71 8.48 2.62
N MET B 68 6.26 9.69 2.65
CA MET B 68 5.59 10.80 3.33
C MET B 68 4.24 11.11 2.70
N LYS B 69 4.17 11.12 1.36
CA LYS B 69 2.89 11.36 0.72
C LYS B 69 1.90 10.22 1.05
N ASP B 70 2.38 8.97 1.10
CA ASP B 70 1.53 7.85 1.53
C ASP B 70 1.00 8.13 2.94
N THR B 71 1.89 8.56 3.83
CA THR B 71 1.54 8.78 5.23
C THR B 71 0.48 9.89 5.36
N LEU B 72 0.67 10.98 4.65
CA LEU B 72 -0.27 12.09 4.73
C LEU B 72 -1.65 11.69 4.23
N ARG B 73 -1.70 10.93 3.14
CA ARG B 73 -2.97 10.48 2.61
C ARG B 73 -3.71 9.62 3.61
N ILE B 74 -3.03 8.63 4.17
CA ILE B 74 -3.75 7.75 5.09
C ILE B 74 -4.07 8.46 6.43
N ALA B 75 -3.19 9.35 6.88
CA ALA B 75 -3.50 10.18 8.01
C ALA B 75 -4.77 11.00 7.78
N TYR B 76 -4.88 11.59 6.59
CA TYR B 76 -6.03 12.39 6.28
C TYR B 76 -7.29 11.51 6.32
N LEU B 77 -7.24 10.36 5.63
CA LEU B 77 -8.43 9.54 5.49
C LEU B 77 -8.87 8.90 6.80
N THR B 78 -7.93 8.65 7.70
CA THR B 78 -8.28 8.08 9.01
C THR B 78 -8.52 9.12 10.09
N GLU B 79 -8.37 10.40 9.72
CA GLU B 79 -8.54 11.51 10.66
C GLU B 79 -7.58 11.41 11.83
N ALA B 80 -6.37 10.91 11.55
CA ALA B 80 -5.36 10.81 12.58
C ALA B 80 -4.87 12.18 13.01
N LYS B 81 -4.74 12.39 14.33
CA LYS B 81 -4.19 13.64 14.82
C LYS B 81 -2.71 13.73 14.50
N VAL B 82 -2.34 14.84 13.87
CA VAL B 82 -0.96 15.21 13.68
C VAL B 82 -0.50 16.01 14.87
N GLU B 83 0.59 15.55 15.49
CA GLU B 83 1.15 16.28 16.62
C GLU B 83 1.99 17.45 16.13
N LYS B 84 3.13 17.15 15.51
CA LYS B 84 4.04 18.16 15.00
C LYS B 84 4.48 17.86 13.56
N LEU B 85 4.88 18.93 12.88
CA LEU B 85 5.60 18.85 11.61
C LEU B 85 6.92 19.58 11.77
N CYS B 86 7.99 18.93 11.34
CA CYS B 86 9.25 19.60 11.09
C CYS B 86 9.21 20.01 9.66
N VAL B 87 9.46 21.28 9.39
CA VAL B 87 9.40 21.79 8.03
C VAL B 87 10.63 22.62 7.71
N TRP B 88 10.94 22.71 6.42
CA TRP B 88 11.88 23.72 5.96
C TRP B 88 11.11 25.01 5.69
N ASN B 89 11.63 26.12 6.22
CA ASN B 89 10.93 27.40 6.18
C ASN B 89 11.47 28.38 5.15
N ASN B 90 12.31 27.85 4.27
CA ASN B 90 12.83 28.60 3.12
C ASN B 90 12.10 28.23 1.82
N LYS B 91 10.91 27.65 1.97
CA LYS B 91 10.02 27.34 0.88
C LYS B 91 8.63 27.81 1.28
N THR B 92 7.79 28.04 0.27
CA THR B 92 6.40 28.42 0.43
C THR B 92 5.53 27.52 -0.45
N PRO B 93 4.54 26.82 0.11
CA PRO B 93 4.33 26.63 1.55
C PRO B 93 5.54 25.96 2.20
N HIS B 94 5.63 26.01 3.52
CA HIS B 94 6.71 25.35 4.24
C HIS B 94 6.69 23.87 3.80
N ALA B 95 7.88 23.30 3.71
CA ALA B 95 8.06 21.99 3.13
C ALA B 95 8.29 20.95 4.22
N ILE B 96 7.51 19.88 4.21
CA ILE B 96 7.60 18.88 5.26
C ILE B 96 8.89 18.06 5.20
N ALA B 97 9.58 18.01 6.34
CA ALA B 97 10.74 17.16 6.57
C ALA B 97 10.39 15.95 7.42
N ALA B 98 9.49 16.13 8.37
CA ALA B 98 9.12 15.03 9.28
C ALA B 98 7.76 15.28 9.87
N ILE B 99 7.14 14.21 10.33
CA ILE B 99 5.80 14.25 10.95
C ILE B 99 5.79 13.37 12.17
N SER B 100 5.12 13.83 13.23
CA SER B 100 4.80 12.98 14.37
C SER B 100 3.30 12.94 14.56
N MET B 101 2.81 11.77 14.94
CA MET B 101 1.40 11.53 15.21
C MET B 101 1.28 10.93 16.61
N ALA B 102 0.36 11.48 17.38
CA ALA B 102 0.07 11.01 18.72
C ALA B 102 -1.35 11.45 19.04
N ASN B 103 -2.05 10.64 19.83
CA ASN B 103 -3.37 10.95 20.45
C ASN B 103 -4.54 11.13 19.49
N THR C 1 13.91 -22.66 10.19
CA THR C 1 13.73 -21.23 10.52
C THR C 1 13.10 -21.06 11.90
N PRO C 2 13.24 -19.89 12.51
CA PRO C 2 12.64 -19.67 13.82
C PRO C 2 11.12 -19.73 13.79
N GLN C 3 10.52 -20.16 14.89
CA GLN C 3 9.07 -20.30 14.95
C GLN C 3 8.39 -19.13 15.65
N ASN C 4 9.20 -18.27 16.24
CA ASN C 4 8.69 -17.11 16.97
C ASN C 4 9.77 -16.05 17.07
N ILE C 5 9.36 -14.85 17.48
CA ILE C 5 10.27 -13.72 17.51
C ILE C 5 11.39 -13.87 18.55
N THR C 6 11.12 -14.56 19.66
CA THR C 6 12.13 -14.74 20.68
C THR C 6 13.30 -15.60 20.18
N ASP C 7 12.98 -16.70 19.52
CA ASP C 7 14.00 -17.59 18.96
C ASP C 7 14.75 -16.89 17.81
N LEU C 8 14.02 -16.12 17.00
CA LEU C 8 14.66 -15.36 15.94
C LEU C 8 15.66 -14.38 16.53
N CYS C 9 15.22 -13.66 17.55
CA CYS C 9 16.04 -12.63 18.17
C CYS C 9 17.34 -13.22 18.67
N ALA C 10 17.27 -14.41 19.24
CA ALA C 10 18.42 -15.05 19.87
C ALA C 10 19.46 -15.56 18.86
N GLU C 11 19.12 -15.54 17.57
CA GLU C 11 20.09 -15.93 16.54
C GLU C 11 21.12 -14.84 16.27
N TYR C 12 20.90 -13.66 16.84
CA TYR C 12 21.72 -12.49 16.54
C TYR C 12 22.44 -11.99 17.77
N HIS C 13 23.63 -11.44 17.55
CA HIS C 13 24.36 -10.74 18.58
C HIS C 13 23.73 -9.38 18.86
N ASN C 14 23.86 -8.92 20.10
CA ASN C 14 23.54 -7.56 20.48
C ASN C 14 22.04 -7.25 20.38
N THR C 15 21.22 -8.25 20.67
CA THR C 15 19.77 -8.06 20.68
C THR C 15 19.13 -8.37 22.03
N GLN C 16 17.89 -7.93 22.18
CA GLN C 16 17.00 -8.37 23.25
C GLN C 16 15.56 -8.22 22.80
N ILE C 17 14.69 -8.94 23.48
CA ILE C 17 13.27 -8.74 23.34
C ILE C 17 12.81 -7.73 24.38
N HIS C 18 11.92 -6.83 23.94
CA HIS C 18 11.08 -6.03 24.79
C HIS C 18 9.64 -6.56 24.67
N THR C 19 8.98 -6.79 25.80
CA THR C 19 7.58 -7.16 25.78
C THR C 19 6.73 -5.97 26.16
N LEU C 20 5.93 -5.50 25.22
CA LEU C 20 5.12 -4.31 25.39
C LEU C 20 3.68 -4.63 25.70
N ASN C 21 3.10 -5.59 24.98
CA ASN C 21 1.66 -5.83 25.03
C ASN C 21 0.85 -4.53 25.10
N ASP C 22 1.11 -3.63 24.17
CA ASP C 22 0.45 -2.35 24.16
C ASP C 22 0.48 -1.78 22.75
N LYS C 23 -0.48 -0.90 22.45
CA LYS C 23 -0.46 -0.17 21.18
C LYS C 23 0.63 0.88 21.19
N ILE C 24 1.02 1.32 20.00
CA ILE C 24 2.02 2.37 19.83
C ILE C 24 1.42 3.70 20.24
N PHE C 25 2.14 4.45 21.07
CA PHE C 25 1.66 5.75 21.57
C PHE C 25 1.93 6.88 20.56
N SER C 26 3.07 6.85 19.91
CA SER C 26 3.38 7.84 18.88
C SER C 26 4.19 7.25 17.74
N TYR C 27 4.00 7.81 16.55
CA TYR C 27 4.68 7.39 15.35
C TYR C 27 5.26 8.65 14.68
N THR C 28 6.55 8.63 14.40
CA THR C 28 7.26 9.72 13.76
C THR C 28 8.03 9.19 12.56
N GLU C 29 7.99 9.92 11.46
CA GLU C 29 8.84 9.55 10.33
C GLU C 29 9.39 10.81 9.68
N SER C 30 10.57 10.63 9.09
CA SER C 30 11.36 11.70 8.55
C SER C 30 11.84 11.38 7.14
N LEU C 31 11.85 12.38 6.27
CA LEU C 31 12.46 12.31 4.95
C LEU C 31 13.72 13.16 4.86
N ALA C 32 14.11 13.75 5.98
CA ALA C 32 15.31 14.62 5.96
C ALA C 32 16.54 13.78 5.65
N GLY C 33 17.46 14.37 4.89
CA GLY C 33 18.61 13.65 4.40
C GLY C 33 19.50 13.11 5.51
N LYS C 34 19.82 11.81 5.39
CA LYS C 34 20.59 11.08 6.41
C LYS C 34 19.81 10.79 7.70
N ARG C 35 18.52 11.15 7.73
CA ARG C 35 17.64 10.79 8.84
C ARG C 35 16.34 10.26 8.30
N GLU C 36 16.44 9.46 7.25
CA GLU C 36 15.27 8.79 6.67
C GLU C 36 14.93 7.57 7.52
N MET C 37 14.13 7.81 8.54
CA MET C 37 13.94 6.88 9.64
C MET C 37 12.53 7.00 10.19
N ALA C 38 12.17 6.04 11.04
CA ALA C 38 10.96 6.15 11.85
C ALA C 38 11.31 5.97 13.34
N ILE C 39 10.51 6.60 14.19
CA ILE C 39 10.64 6.48 15.62
C ILE C 39 9.27 6.19 16.19
N ILE C 40 9.17 5.21 17.06
CA ILE C 40 7.93 4.94 17.76
C ILE C 40 8.15 5.01 19.26
N THR C 41 7.09 5.33 19.99
CA THR C 41 7.12 5.28 21.44
C THR C 41 5.90 4.56 21.97
N PHE C 42 6.05 4.10 23.20
CA PHE C 42 4.96 3.50 23.94
C PHE C 42 4.69 4.33 25.18
N LYS C 43 3.51 4.16 25.74
CA LYS C 43 3.09 4.98 26.86
C LYS C 43 3.97 4.81 28.11
N ASN C 44 4.64 3.66 28.23
CA ASN C 44 5.60 3.46 29.33
C ASN C 44 6.91 4.24 29.14
N GLY C 45 6.99 5.01 28.05
CA GLY C 45 8.16 5.84 27.76
C GLY C 45 9.21 5.22 26.84
N ALA C 46 9.07 3.95 26.51
CA ALA C 46 10.03 3.29 25.65
C ALA C 46 10.00 3.89 24.24
N THR C 47 11.18 4.13 23.69
CA THR C 47 11.36 4.68 22.35
C THR C 47 12.18 3.73 21.51
N PHE C 48 11.82 3.54 20.24
CA PHE C 48 12.52 2.64 19.34
C PHE C 48 12.63 3.29 17.97
N GLN C 49 13.68 2.95 17.24
CA GLN C 49 13.85 3.42 15.88
C GLN C 49 13.86 2.31 14.86
N VAL C 50 13.47 2.65 13.63
CA VAL C 50 13.85 1.90 12.45
C VAL C 50 15.00 2.67 11.86
N GLU C 51 16.19 2.08 11.90
CA GLU C 51 17.40 2.76 11.48
C GLU C 51 17.36 3.19 10.03
N VAL C 52 18.05 4.29 9.76
CA VAL C 52 18.35 4.72 8.40
C VAL C 52 19.12 3.60 7.73
N PRO C 53 18.80 3.25 6.49
CA PRO C 53 19.58 2.22 5.80
C PRO C 53 21.02 2.64 5.64
N GLY C 54 21.93 1.74 5.96
CA GLY C 54 23.35 2.03 5.94
C GLY C 54 24.19 0.83 5.57
N SER C 55 25.51 1.00 5.69
CA SER C 55 26.44 -0.03 5.29
C SER C 55 26.38 -1.26 6.18
N GLN C 56 25.79 -1.17 7.36
CA GLN C 56 25.62 -2.34 8.23
C GLN C 56 24.57 -3.29 7.69
N HIS C 57 23.73 -2.80 6.78
CA HIS C 57 22.64 -3.61 6.23
C HIS C 57 23.09 -4.31 4.95
N ILE C 58 22.68 -5.56 4.80
CA ILE C 58 22.83 -6.26 3.53
C ILE C 58 21.67 -5.93 2.60
N ASP C 59 21.84 -6.18 1.30
CA ASP C 59 20.89 -5.71 0.32
C ASP C 59 19.49 -6.24 0.62
N SER C 60 19.40 -7.51 0.99
CA SER C 60 18.10 -8.14 1.26
C SER C 60 17.31 -7.43 2.39
N GLN C 61 18.00 -6.72 3.26
CA GLN C 61 17.33 -5.99 4.31
C GLN C 61 16.64 -4.72 3.87
N LYS C 62 17.05 -4.17 2.74
CA LYS C 62 16.52 -2.88 2.34
C LYS C 62 14.99 -2.89 2.16
N LYS C 63 14.46 -3.86 1.42
CA LYS C 63 13.02 -3.94 1.25
C LYS C 63 12.33 -4.20 2.59
N ALA C 64 13.00 -4.95 3.45
CA ALA C 64 12.43 -5.30 4.74
C ALA C 64 12.37 -4.10 5.69
N ILE C 65 13.36 -3.22 5.59
CA ILE C 65 13.33 -1.97 6.35
C ILE C 65 12.12 -1.13 5.91
N GLU C 66 11.92 -0.99 4.60
CA GLU C 66 10.75 -0.26 4.12
C GLU C 66 9.45 -0.90 4.59
N ARG C 67 9.37 -2.21 4.50
CA ARG C 67 8.19 -2.94 5.00
C ARG C 67 7.94 -2.63 6.47
N MET C 68 8.99 -2.65 7.29
CA MET C 68 8.84 -2.43 8.73
C MET C 68 8.22 -1.06 9.02
N LYS C 69 8.67 -0.03 8.32
CA LYS C 69 8.09 1.29 8.50
C LYS C 69 6.61 1.29 8.08
N ASP C 70 6.28 0.57 7.01
CA ASP C 70 4.88 0.44 6.62
C ASP C 70 4.08 -0.23 7.74
N THR C 71 4.64 -1.30 8.31
CA THR C 71 3.96 -2.02 9.38
C THR C 71 3.74 -1.15 10.61
N LEU C 72 4.76 -0.40 11.02
CA LEU C 72 4.63 0.41 12.23
C LEU C 72 3.58 1.51 12.01
N ARG C 73 3.53 2.10 10.82
CA ARG C 73 2.53 3.13 10.54
C ARG C 73 1.11 2.57 10.69
N ILE C 74 0.86 1.45 10.02
CA ILE C 74 -0.49 0.90 10.03
C ILE C 74 -0.83 0.31 11.40
N ALA C 75 0.16 -0.26 12.10
CA ALA C 75 -0.07 -0.69 13.47
C ALA C 75 -0.48 0.50 14.36
N TYR C 76 0.23 1.61 14.19
CA TYR C 76 -0.10 2.82 14.95
C TYR C 76 -1.53 3.28 14.65
N LEU C 77 -1.87 3.40 13.36
CA LEU C 77 -3.17 3.94 12.95
C LEU C 77 -4.33 3.05 13.35
N THR C 78 -4.12 1.74 13.40
CA THR C 78 -5.18 0.80 13.78
C THR C 78 -5.23 0.47 15.28
N GLU C 79 -4.29 1.05 16.03
CA GLU C 79 -4.15 0.80 17.47
C GLU C 79 -3.92 -0.69 17.74
N ALA C 80 -3.19 -1.35 16.86
CA ALA C 80 -2.87 -2.75 17.03
C ALA C 80 -1.95 -2.96 18.22
N LYS C 81 -2.26 -3.93 19.07
CA LYS C 81 -1.39 -4.25 20.18
C LYS C 81 -0.10 -4.87 19.67
N VAL C 82 1.02 -4.27 20.05
CA VAL C 82 2.32 -4.85 19.82
C VAL C 82 2.63 -5.78 20.98
N GLU C 83 2.94 -7.03 20.66
CA GLU C 83 3.30 -8.00 21.68
C GLU C 83 4.75 -7.76 22.06
N LYS C 84 5.67 -8.07 21.15
CA LYS C 84 7.10 -7.96 21.38
C LYS C 84 7.82 -7.23 20.26
N LEU C 85 8.96 -6.63 20.61
CA LEU C 85 9.93 -6.18 19.63
C LEU C 85 11.24 -6.87 19.92
N CYS C 86 11.88 -7.36 18.87
CA CYS C 86 13.28 -7.75 18.90
C CYS C 86 14.07 -6.54 18.42
N VAL C 87 15.04 -6.12 19.22
CA VAL C 87 15.81 -4.96 18.88
C VAL C 87 17.29 -5.23 19.05
N TRP C 88 18.08 -4.47 18.31
CA TRP C 88 19.49 -4.35 18.63
C TRP C 88 19.60 -3.29 19.72
N ASN C 89 20.16 -3.71 20.86
CA ASN C 89 20.38 -2.82 21.97
C ASN C 89 21.80 -2.28 22.04
N ASN C 90 22.50 -2.27 20.91
CA ASN C 90 23.76 -1.56 20.74
C ASN C 90 23.60 -0.24 19.96
N LYS C 91 22.35 0.25 19.93
CA LYS C 91 22.01 1.52 19.31
C LYS C 91 21.06 2.23 20.26
N THR C 92 21.00 3.55 20.13
CA THR C 92 20.07 4.38 20.91
C THR C 92 19.37 5.33 19.95
N PRO C 93 18.04 5.34 19.91
CA PRO C 93 17.16 4.36 20.57
C PRO C 93 17.44 2.94 20.10
N HIS C 94 17.00 1.94 20.86
CA HIS C 94 17.14 0.56 20.40
C HIS C 94 16.54 0.47 19.00
N ALA C 95 17.19 -0.29 18.13
CA ALA C 95 16.83 -0.40 16.72
C ALA C 95 16.04 -1.67 16.45
N ILE C 96 14.87 -1.52 15.84
CA ILE C 96 13.99 -2.65 15.60
C ILE C 96 14.53 -3.61 14.55
N ALA C 97 14.61 -4.90 14.94
CA ALA C 97 14.91 -6.00 14.06
C ALA C 97 13.66 -6.78 13.69
N ALA C 98 12.71 -6.91 14.61
CA ALA C 98 11.48 -7.66 14.35
C ALA C 98 10.37 -7.22 15.27
N ILE C 99 9.14 -7.49 14.86
CA ILE C 99 7.95 -7.16 15.62
C ILE C 99 7.00 -8.33 15.62
N SER C 100 6.36 -8.57 16.76
CA SER C 100 5.24 -9.50 16.80
C SER C 100 3.98 -8.77 17.28
N MET C 101 2.84 -9.15 16.73
CA MET C 101 1.57 -8.60 17.12
C MET C 101 0.64 -9.76 17.45
N ALA C 102 -0.06 -9.66 18.58
CA ALA C 102 -1.03 -10.64 19.00
C ALA C 102 -2.02 -9.91 19.89
N ASN C 103 -3.26 -10.38 19.92
CA ASN C 103 -4.22 -10.08 21.00
C ASN C 103 -4.70 -8.65 21.04
N THR D 1 -5.68 -22.91 -15.83
CA THR D 1 -5.31 -22.50 -14.46
C THR D 1 -6.21 -23.16 -13.44
N PRO D 2 -5.70 -23.36 -12.24
CA PRO D 2 -6.52 -23.97 -11.20
C PRO D 2 -7.70 -23.09 -10.81
N GLN D 3 -8.80 -23.72 -10.39
CA GLN D 3 -10.00 -23.02 -10.01
C GLN D 3 -9.98 -22.63 -8.54
N ASN D 4 -9.12 -23.27 -7.75
CA ASN D 4 -9.13 -23.11 -6.31
C ASN D 4 -7.79 -23.50 -5.73
N ILE D 5 -7.60 -23.17 -4.47
CA ILE D 5 -6.33 -23.41 -3.81
C ILE D 5 -5.98 -24.88 -3.68
N THR D 6 -6.98 -25.74 -3.52
CA THR D 6 -6.70 -27.15 -3.36
C THR D 6 -6.12 -27.74 -4.63
N ASP D 7 -6.71 -27.39 -5.78
CA ASP D 7 -6.25 -27.86 -7.07
C ASP D 7 -4.87 -27.27 -7.39
N LEU D 8 -4.64 -26.00 -7.02
CA LEU D 8 -3.34 -25.39 -7.22
C LEU D 8 -2.28 -26.15 -6.43
N CYS D 9 -2.57 -26.41 -5.16
CA CYS D 9 -1.62 -27.08 -4.30
C CYS D 9 -1.19 -28.43 -4.84
N ALA D 10 -2.13 -29.13 -5.43
CA ALA D 10 -1.87 -30.46 -5.95
C ALA D 10 -0.96 -30.48 -7.17
N GLU D 11 -0.67 -29.34 -7.73
CA GLU D 11 0.25 -29.27 -8.87
C GLU D 11 1.72 -29.36 -8.46
N TYR D 12 1.99 -29.31 -7.16
CA TYR D 12 3.33 -29.17 -6.64
C TYR D 12 3.70 -30.35 -5.77
N HIS D 13 4.98 -30.68 -5.79
CA HIS D 13 5.55 -31.62 -4.83
C HIS D 13 5.81 -30.96 -3.50
N ASN D 14 5.81 -31.76 -2.46
CA ASN D 14 6.14 -31.31 -1.11
C ASN D 14 5.11 -30.33 -0.58
N THR D 15 3.84 -30.46 -0.96
CA THR D 15 2.83 -29.56 -0.41
C THR D 15 1.69 -30.28 0.28
N GLN D 16 0.98 -29.49 1.09
CA GLN D 16 -0.27 -29.92 1.68
C GLN D 16 -1.13 -28.72 1.95
N ILE D 17 -2.43 -28.99 2.07
CA ILE D 17 -3.41 -28.01 2.46
C ILE D 17 -3.65 -28.09 3.98
N HIS D 18 -3.62 -26.94 4.63
CA HIS D 18 -4.10 -26.78 5.99
C HIS D 18 -5.43 -26.00 5.94
N THR D 19 -6.45 -26.50 6.61
CA THR D 19 -7.75 -25.86 6.61
C THR D 19 -7.95 -25.26 8.00
N LEU D 20 -7.96 -23.94 8.07
CA LEU D 20 -7.96 -23.22 9.34
C LEU D 20 -9.34 -22.66 9.65
N ASN D 21 -9.99 -22.05 8.65
CA ASN D 21 -11.24 -21.32 8.88
C ASN D 21 -11.20 -20.49 10.16
N ASP D 22 -10.17 -19.64 10.25
CA ASP D 22 -9.93 -18.85 11.47
C ASP D 22 -9.06 -17.66 11.13
N LYS D 23 -9.15 -16.63 11.95
CA LYS D 23 -8.29 -15.47 11.80
C LYS D 23 -6.89 -15.80 12.30
N ILE D 24 -5.91 -15.03 11.83
CA ILE D 24 -4.55 -15.18 12.29
C ILE D 24 -4.46 -14.74 13.74
N PHE D 25 -3.82 -15.57 14.57
CA PHE D 25 -3.61 -15.29 15.98
C PHE D 25 -2.44 -14.35 16.24
N SER D 26 -1.34 -14.55 15.53
CA SER D 26 -0.21 -13.66 15.66
C SER D 26 0.49 -13.45 14.32
N TYR D 27 1.11 -12.27 14.17
CA TYR D 27 1.81 -11.86 12.98
C TYR D 27 3.17 -11.33 13.40
N THR D 28 4.24 -11.93 12.89
CA THR D 28 5.60 -11.53 13.17
C THR D 28 6.33 -11.23 11.87
N GLU D 29 7.14 -10.18 11.89
CA GLU D 29 7.92 -9.87 10.71
C GLU D 29 9.29 -9.34 11.15
N SER D 30 10.28 -9.64 10.35
CA SER D 30 11.68 -9.44 10.67
C SER D 30 12.39 -8.81 9.48
N LEU D 31 13.27 -7.86 9.80
CA LEU D 31 14.19 -7.27 8.83
C LEU D 31 15.63 -7.69 9.10
N ALA D 32 15.84 -8.59 10.06
CA ALA D 32 17.18 -9.04 10.40
C ALA D 32 17.81 -9.80 9.20
N GLY D 33 19.10 -9.60 8.98
CA GLY D 33 19.74 -10.17 7.80
C GLY D 33 19.69 -11.68 7.77
N LYS D 34 19.30 -12.18 6.59
CA LYS D 34 19.07 -13.60 6.33
C LYS D 34 17.83 -14.17 7.00
N ARG D 35 17.04 -13.31 7.66
CA ARG D 35 15.75 -13.69 8.21
C ARG D 35 14.72 -12.62 7.87
N GLU D 36 14.76 -12.13 6.64
CA GLU D 36 13.78 -11.15 6.16
C GLU D 36 12.54 -11.93 5.77
N MET D 37 11.65 -12.11 6.73
CA MET D 37 10.57 -13.07 6.61
C MET D 37 9.39 -12.65 7.46
N ALA D 38 8.27 -13.33 7.28
CA ALA D 38 7.14 -13.22 8.19
C ALA D 38 6.79 -14.61 8.72
N ILE D 39 6.25 -14.61 9.92
CA ILE D 39 5.77 -15.81 10.58
C ILE D 39 4.38 -15.53 11.14
N ILE D 40 3.44 -16.42 10.87
CA ILE D 40 2.10 -16.32 11.46
C ILE D 40 1.79 -17.56 12.26
N THR D 41 0.97 -17.39 13.27
CA THR D 41 0.37 -18.52 13.97
C THR D 41 -1.12 -18.41 14.06
N PHE D 42 -1.75 -19.55 14.31
CA PHE D 42 -3.19 -19.63 14.56
C PHE D 42 -3.39 -20.11 15.97
N LYS D 43 -4.62 -19.97 16.47
CA LYS D 43 -4.91 -20.30 17.86
C LYS D 43 -4.60 -21.75 18.18
N ASN D 44 -4.76 -22.61 17.17
CA ASN D 44 -4.45 -24.04 17.28
C ASN D 44 -2.95 -24.37 17.38
N GLY D 45 -2.09 -23.35 17.34
CA GLY D 45 -0.65 -23.54 17.43
C GLY D 45 0.05 -23.63 16.08
N ALA D 46 -0.69 -23.89 15.00
CA ALA D 46 -0.06 -24.03 13.71
C ALA D 46 0.68 -22.76 13.34
N THR D 47 1.90 -22.96 12.88
CA THR D 47 2.82 -21.90 12.55
C THR D 47 3.29 -22.00 11.11
N PHE D 48 3.39 -20.85 10.45
CA PHE D 48 3.73 -20.82 9.02
C PHE D 48 4.67 -19.67 8.75
N GLN D 49 5.53 -19.83 7.75
CA GLN D 49 6.39 -18.73 7.33
C GLN D 49 6.17 -18.34 5.89
N VAL D 50 6.51 -17.09 5.57
CA VAL D 50 6.85 -16.72 4.22
C VAL D 50 8.37 -16.73 4.17
N GLU D 51 8.91 -17.65 3.37
CA GLU D 51 10.36 -17.86 3.34
C GLU D 51 11.11 -16.64 2.87
N VAL D 52 12.32 -16.54 3.37
CA VAL D 52 13.29 -15.61 2.81
C VAL D 52 13.50 -15.96 1.34
N PRO D 53 13.58 -14.98 0.45
CA PRO D 53 13.90 -15.28 -0.94
C PRO D 53 15.26 -15.98 -1.08
N GLY D 54 15.28 -17.04 -1.87
CA GLY D 54 16.46 -17.87 -1.97
C GLY D 54 16.64 -18.47 -3.36
N SER D 55 17.65 -19.33 -3.48
CA SER D 55 18.03 -19.86 -4.77
C SER D 55 16.97 -20.79 -5.35
N GLN D 56 16.06 -21.29 -4.52
CA GLN D 56 15.00 -22.16 -5.01
C GLN D 56 13.93 -21.37 -5.74
N HIS D 57 13.84 -20.07 -5.47
CA HIS D 57 12.81 -19.21 -6.07
C HIS D 57 13.19 -18.77 -7.45
N ILE D 58 12.20 -18.65 -8.31
CA ILE D 58 12.40 -18.07 -9.63
C ILE D 58 12.02 -16.58 -9.61
N ASP D 59 12.50 -15.84 -10.61
CA ASP D 59 12.32 -14.39 -10.62
C ASP D 59 10.86 -13.97 -10.45
N SER D 60 9.96 -14.67 -11.12
CA SER D 60 8.54 -14.34 -11.09
C SER D 60 7.92 -14.44 -9.68
N GLN D 61 8.58 -15.15 -8.78
CA GLN D 61 8.10 -15.27 -7.43
C GLN D 61 8.46 -14.10 -6.54
N LYS D 62 9.45 -13.29 -6.93
CA LYS D 62 9.91 -12.25 -6.01
C LYS D 62 8.80 -11.28 -5.62
N LYS D 63 8.07 -10.76 -6.59
CA LYS D 63 7.00 -9.80 -6.26
C LYS D 63 5.88 -10.49 -5.47
N ALA D 64 5.66 -11.76 -5.76
CA ALA D 64 4.60 -12.51 -5.12
C ALA D 64 4.91 -12.79 -3.66
N ILE D 65 6.18 -13.03 -3.35
CA ILE D 65 6.58 -13.17 -1.97
C ILE D 65 6.32 -11.89 -1.20
N GLU D 66 6.69 -10.75 -1.78
CA GLU D 66 6.41 -9.48 -1.12
C GLU D 66 4.90 -9.26 -0.95
N ARG D 67 4.12 -9.60 -1.96
CA ARG D 67 2.67 -9.44 -1.88
C ARG D 67 2.09 -10.32 -0.77
N MET D 68 2.62 -11.53 -0.61
CA MET D 68 2.08 -12.43 0.41
C MET D 68 2.27 -11.85 1.79
N LYS D 69 3.43 -11.27 2.03
CA LYS D 69 3.65 -10.66 3.33
C LYS D 69 2.71 -9.48 3.53
N ASP D 70 2.45 -8.70 2.49
CA ASP D 70 1.46 -7.62 2.58
C ASP D 70 0.09 -8.21 2.97
N THR D 71 -0.29 -9.29 2.31
CA THR D 71 -1.60 -9.90 2.51
C THR D 71 -1.76 -10.41 3.94
N LEU D 72 -0.73 -11.09 4.46
CA LEU D 72 -0.80 -11.60 5.81
C LEU D 72 -0.95 -10.50 6.83
N ARG D 73 -0.24 -9.40 6.64
CA ARG D 73 -0.32 -8.30 7.59
C ARG D 73 -1.71 -7.70 7.62
N ILE D 74 -2.27 -7.41 6.47
CA ILE D 74 -3.60 -6.81 6.45
C ILE D 74 -4.67 -7.81 6.88
N ALA D 75 -4.50 -9.08 6.53
CA ALA D 75 -5.44 -10.09 7.02
C ALA D 75 -5.42 -10.11 8.54
N TYR D 76 -4.23 -10.14 9.11
CA TYR D 76 -4.09 -10.09 10.57
C TYR D 76 -4.81 -8.88 11.19
N LEU D 77 -4.52 -7.70 10.65
CA LEU D 77 -5.05 -6.46 11.23
C LEU D 77 -6.56 -6.33 11.10
N THR D 78 -7.13 -6.93 10.06
CA THR D 78 -8.57 -6.87 9.85
C THR D 78 -9.31 -8.06 10.43
N GLU D 79 -8.58 -9.01 11.02
CA GLU D 79 -9.16 -10.24 11.58
C GLU D 79 -9.92 -11.04 10.52
N ALA D 80 -9.42 -11.00 9.28
CA ALA D 80 -10.00 -11.75 8.17
C ALA D 80 -9.83 -13.24 8.39
N LYS D 81 -10.90 -13.98 8.15
CA LYS D 81 -10.83 -15.42 8.28
C LYS D 81 -10.01 -16.01 7.14
N VAL D 82 -9.00 -16.78 7.50
CA VAL D 82 -8.24 -17.58 6.54
C VAL D 82 -8.92 -18.93 6.41
N GLU D 83 -9.25 -19.28 5.19
CA GLU D 83 -9.88 -20.55 4.90
C GLU D 83 -8.82 -21.63 4.89
N LYS D 84 -7.94 -21.59 3.89
CA LYS D 84 -6.92 -22.59 3.72
C LYS D 84 -5.57 -21.95 3.44
N LEU D 85 -4.51 -22.69 3.77
CA LEU D 85 -3.16 -22.39 3.28
C LEU D 85 -2.67 -23.60 2.52
N CYS D 86 -2.02 -23.34 1.38
CA CYS D 86 -1.23 -24.34 0.67
C CYS D 86 0.19 -24.06 1.10
N VAL D 87 0.88 -25.09 1.58
CA VAL D 87 2.22 -24.93 2.11
C VAL D 87 3.16 -26.00 1.61
N TRP D 88 4.44 -25.63 1.53
CA TRP D 88 5.48 -26.64 1.38
C TRP D 88 5.83 -27.20 2.77
N ASN D 89 5.76 -28.52 2.87
CA ASN D 89 5.96 -29.21 4.14
C ASN D 89 7.35 -29.82 4.28
N ASN D 90 8.26 -29.42 3.38
CA ASN D 90 9.67 -29.78 3.51
C ASN D 90 10.49 -28.67 4.15
N LYS D 91 9.80 -27.73 4.79
CA LYS D 91 10.38 -26.66 5.57
C LYS D 91 9.67 -26.58 6.92
N THR D 92 10.38 -26.04 7.90
CA THR D 92 9.79 -25.76 9.21
C THR D 92 10.16 -24.31 9.60
N PRO D 93 9.19 -23.47 9.93
CA PRO D 93 7.76 -23.74 9.77
C PRO D 93 7.40 -24.05 8.33
N HIS D 94 6.23 -24.66 8.12
CA HIS D 94 5.76 -24.92 6.78
C HIS D 94 5.71 -23.57 6.04
N ALA D 95 6.08 -23.61 4.78
CA ALA D 95 6.28 -22.40 4.00
C ALA D 95 5.06 -22.14 3.12
N ILE D 96 4.51 -20.94 3.21
CA ILE D 96 3.28 -20.60 2.50
C ILE D 96 3.51 -20.48 1.02
N ALA D 97 2.72 -21.23 0.26
CA ALA D 97 2.65 -21.15 -1.19
C ALA D 97 1.44 -20.35 -1.64
N ALA D 98 0.31 -20.52 -0.96
CA ALA D 98 -0.93 -19.84 -1.33
C ALA D 98 -1.84 -19.74 -0.13
N ILE D 99 -2.74 -18.76 -0.17
CA ILE D 99 -3.72 -18.52 0.87
C ILE D 99 -5.09 -18.32 0.24
N SER D 100 -6.13 -18.81 0.91
CA SER D 100 -7.50 -18.47 0.53
C SER D 100 -8.18 -17.88 1.74
N MET D 101 -9.00 -16.88 1.48
CA MET D 101 -9.82 -16.20 2.49
C MET D 101 -11.27 -16.26 2.04
N ALA D 102 -12.14 -16.67 2.96
CA ALA D 102 -13.58 -16.70 2.73
C ALA D 102 -14.24 -16.62 4.08
N ASN D 103 -15.47 -16.10 4.08
CA ASN D 103 -16.30 -16.01 5.28
C ASN D 103 -16.66 -17.40 5.80
N THR E 1 -10.83 8.23 -24.96
CA THR E 1 -10.69 7.08 -24.05
C THR E 1 -12.07 6.59 -23.64
N PRO E 2 -12.16 5.36 -23.19
CA PRO E 2 -13.44 4.81 -22.77
C PRO E 2 -14.14 5.57 -21.66
N GLN E 3 -15.47 5.68 -21.74
CA GLN E 3 -16.24 6.34 -20.72
C GLN E 3 -16.57 5.41 -19.59
N ASN E 4 -16.48 4.11 -19.85
CA ASN E 4 -16.90 3.11 -18.90
C ASN E 4 -16.33 1.73 -19.24
N ILE E 5 -16.53 0.77 -18.34
CA ILE E 5 -15.96 -0.55 -18.49
C ILE E 5 -16.54 -1.30 -19.68
N THR E 6 -17.80 -1.05 -20.01
CA THR E 6 -18.41 -1.75 -21.11
C THR E 6 -17.77 -1.34 -22.44
N ASP E 7 -17.58 -0.04 -22.64
CA ASP E 7 -16.98 0.46 -23.86
C ASP E 7 -15.52 0.04 -23.94
N LEU E 8 -14.86 -0.03 -22.79
CA LEU E 8 -13.47 -0.45 -22.75
C LEU E 8 -13.39 -1.92 -23.19
N CYS E 9 -14.26 -2.74 -22.60
CA CYS E 9 -14.26 -4.17 -22.85
C CYS E 9 -14.46 -4.48 -24.33
N ALA E 10 -15.31 -3.65 -24.96
CA ALA E 10 -15.63 -3.81 -26.37
C ALA E 10 -14.47 -3.56 -27.32
N GLU E 11 -13.39 -2.97 -26.83
CA GLU E 11 -12.24 -2.69 -27.67
C GLU E 11 -11.35 -3.91 -27.93
N TYR E 12 -11.63 -5.00 -27.22
CA TYR E 12 -10.79 -6.21 -27.21
C TYR E 12 -11.56 -7.40 -27.70
N HIS E 13 -10.86 -8.30 -28.39
CA HIS E 13 -11.41 -9.58 -28.75
C HIS E 13 -11.38 -10.53 -27.54
N ASN E 14 -12.21 -11.56 -27.59
CA ASN E 14 -12.29 -12.61 -26.59
C ASN E 14 -12.75 -12.09 -25.24
N THR E 15 -13.55 -11.02 -25.18
CA THR E 15 -14.00 -10.50 -23.89
C THR E 15 -15.48 -10.57 -23.72
N GLN E 16 -15.87 -10.51 -22.47
CA GLN E 16 -17.27 -10.31 -22.11
C GLN E 16 -17.37 -9.60 -20.78
N ILE E 17 -18.51 -8.95 -20.56
CA ILE E 17 -18.86 -8.36 -19.28
C ILE E 17 -19.68 -9.35 -18.43
N HIS E 18 -19.29 -9.49 -17.17
CA HIS E 18 -20.06 -10.16 -16.16
C HIS E 18 -20.56 -9.08 -15.22
N THR E 19 -21.86 -9.05 -15.00
CA THR E 19 -22.45 -8.12 -14.06
C THR E 19 -22.78 -8.89 -12.77
N LEU E 20 -22.13 -8.49 -11.69
CA LEU E 20 -22.24 -9.17 -10.41
C LEU E 20 -23.07 -8.42 -9.38
N ASN E 21 -22.84 -7.13 -9.27
CA ASN E 21 -23.45 -6.32 -8.23
C ASN E 21 -23.43 -7.02 -6.88
N ASP E 22 -22.24 -7.49 -6.50
CA ASP E 22 -22.07 -8.22 -5.26
C ASP E 22 -20.62 -8.15 -4.80
N LYS E 23 -20.41 -8.35 -3.51
CA LYS E 23 -19.07 -8.42 -2.97
C LYS E 23 -18.41 -9.73 -3.37
N ILE E 24 -17.09 -9.72 -3.30
CA ILE E 24 -16.31 -10.94 -3.54
C ILE E 24 -16.51 -11.90 -2.36
N PHE E 25 -16.78 -13.17 -2.68
CA PHE E 25 -16.99 -14.22 -1.68
C PHE E 25 -15.70 -14.84 -1.17
N SER E 26 -14.74 -15.06 -2.06
CA SER E 26 -13.43 -15.58 -1.63
C SER E 26 -12.33 -14.96 -2.46
N TYR E 27 -11.17 -14.84 -1.82
CA TYR E 27 -9.96 -14.29 -2.43
C TYR E 27 -8.83 -15.28 -2.18
N THR E 28 -8.15 -15.70 -3.25
CA THR E 28 -7.03 -16.60 -3.14
C THR E 28 -5.84 -16.00 -3.85
N GLU E 29 -4.67 -16.16 -3.27
CA GLU E 29 -3.46 -15.70 -3.97
C GLU E 29 -2.32 -16.66 -3.74
N SER E 30 -1.49 -16.80 -4.76
CA SER E 30 -0.43 -17.78 -4.78
C SER E 30 0.90 -17.15 -5.17
N LEU E 31 1.97 -17.61 -4.52
CA LEU E 31 3.33 -17.24 -4.87
C LEU E 31 4.09 -18.43 -5.47
N ALA E 32 3.39 -19.55 -5.68
CA ALA E 32 4.04 -20.74 -6.21
C ALA E 32 4.54 -20.45 -7.64
N GLY E 33 5.68 -21.02 -7.96
CA GLY E 33 6.34 -20.73 -9.23
C GLY E 33 5.49 -21.18 -10.40
N LYS E 34 5.33 -20.25 -11.34
CA LYS E 34 4.48 -20.42 -12.54
C LYS E 34 2.99 -20.35 -12.23
N ARG E 35 2.64 -20.09 -10.97
CA ARG E 35 1.24 -19.83 -10.59
C ARG E 35 1.14 -18.61 -9.68
N GLU E 36 1.87 -17.56 -10.04
CA GLU E 36 1.83 -16.32 -9.28
C GLU E 36 0.64 -15.53 -9.74
N MET E 37 -0.49 -15.79 -9.09
CA MET E 37 -1.79 -15.38 -9.59
C MET E 37 -2.74 -15.12 -8.42
N ALA E 38 -3.89 -14.57 -8.73
CA ALA E 38 -4.99 -14.47 -7.77
C ALA E 38 -6.23 -15.07 -8.41
N ILE E 39 -7.09 -15.61 -7.55
CA ILE E 39 -8.37 -16.19 -7.94
C ILE E 39 -9.42 -15.62 -7.02
N ILE E 40 -10.52 -15.13 -7.58
CA ILE E 40 -11.67 -14.71 -6.78
C ILE E 40 -12.90 -15.49 -7.17
N THR E 41 -13.79 -15.68 -6.21
CA THR E 41 -15.12 -16.20 -6.51
C THR E 41 -16.18 -15.32 -5.91
N PHE E 42 -17.38 -15.45 -6.48
CA PHE E 42 -18.57 -14.82 -5.95
C PHE E 42 -19.46 -15.94 -5.38
N LYS E 43 -20.48 -15.53 -4.61
CA LYS E 43 -21.24 -16.48 -3.78
C LYS E 43 -21.80 -17.64 -4.59
N ASN E 44 -22.28 -17.32 -5.79
CA ASN E 44 -22.88 -18.28 -6.71
C ASN E 44 -21.90 -19.30 -7.30
N GLY E 45 -20.61 -19.03 -7.14
CA GLY E 45 -19.61 -19.97 -7.61
C GLY E 45 -18.71 -19.46 -8.73
N ALA E 46 -19.17 -18.44 -9.44
CA ALA E 46 -18.40 -17.88 -10.55
C ALA E 46 -17.01 -17.50 -10.12
N THR E 47 -16.03 -17.93 -10.90
CA THR E 47 -14.60 -17.85 -10.56
C THR E 47 -13.86 -17.09 -11.65
N PHE E 48 -12.93 -16.24 -11.22
CA PHE E 48 -12.15 -15.41 -12.11
C PHE E 48 -10.70 -15.38 -11.62
N GLN E 49 -9.78 -15.22 -12.56
CA GLN E 49 -8.36 -15.13 -12.21
C GLN E 49 -7.75 -13.79 -12.66
N VAL E 50 -6.70 -13.38 -11.96
CA VAL E 50 -5.73 -12.47 -12.53
C VAL E 50 -4.61 -13.36 -13.00
N GLU E 51 -4.38 -13.40 -14.31
CA GLU E 51 -3.42 -14.33 -14.89
C GLU E 51 -2.00 -14.07 -14.44
N VAL E 52 -1.24 -15.13 -14.41
CA VAL E 52 0.19 -15.05 -14.30
C VAL E 52 0.72 -14.16 -15.45
N PRO E 53 1.65 -13.27 -15.17
CA PRO E 53 2.24 -12.50 -16.28
C PRO E 53 2.89 -13.44 -17.27
N GLY E 54 2.63 -13.20 -18.54
CA GLY E 54 3.13 -14.07 -19.59
C GLY E 54 3.45 -13.34 -20.87
N SER E 55 3.77 -14.13 -21.88
CA SER E 55 4.27 -13.57 -23.14
C SER E 55 3.22 -12.78 -23.88
N GLN E 56 1.95 -12.99 -23.55
CA GLN E 56 0.89 -12.27 -24.24
C GLN E 56 0.75 -10.85 -23.72
N HIS E 57 1.27 -10.58 -22.52
CA HIS E 57 1.16 -9.27 -21.91
C HIS E 57 2.23 -8.34 -22.44
N ILE E 58 1.86 -7.10 -22.68
CA ILE E 58 2.86 -6.10 -23.01
C ILE E 58 3.38 -5.45 -21.74
N ASP E 59 4.54 -4.81 -21.83
CA ASP E 59 5.24 -4.39 -20.62
C ASP E 59 4.40 -3.46 -19.75
N SER E 60 3.63 -2.57 -20.35
CA SER E 60 2.81 -1.63 -19.58
C SER E 60 1.74 -2.32 -18.72
N GLN E 61 1.40 -3.55 -19.06
CA GLN E 61 0.41 -4.29 -18.29
C GLN E 61 0.98 -4.82 -16.98
N LYS E 62 2.29 -4.95 -16.86
CA LYS E 62 2.85 -5.59 -15.68
C LYS E 62 2.48 -4.84 -14.41
N LYS E 63 2.62 -3.51 -14.38
CA LYS E 63 2.30 -2.74 -13.19
C LYS E 63 0.78 -2.81 -12.97
N ALA E 64 0.01 -2.85 -14.05
CA ALA E 64 -1.45 -2.88 -13.91
C ALA E 64 -1.96 -4.22 -13.38
N ILE E 65 -1.26 -5.31 -13.70
CA ILE E 65 -1.61 -6.62 -13.18
C ILE E 65 -1.38 -6.60 -11.67
N GLU E 66 -0.25 -6.04 -11.23
CA GLU E 66 0.00 -5.93 -9.80
C GLU E 66 -1.06 -5.08 -9.11
N ARG E 67 -1.44 -3.98 -9.73
CA ARG E 67 -2.45 -3.09 -9.17
C ARG E 67 -3.77 -3.82 -9.04
N MET E 68 -4.14 -4.60 -10.04
CA MET E 68 -5.43 -5.32 -10.01
C MET E 68 -5.47 -6.29 -8.83
N LYS E 69 -4.38 -7.02 -8.59
CA LYS E 69 -4.39 -7.91 -7.44
C LYS E 69 -4.51 -7.12 -6.13
N ASP E 70 -3.87 -5.95 -6.05
CA ASP E 70 -4.03 -5.07 -4.89
C ASP E 70 -5.52 -4.68 -4.72
N THR E 71 -6.16 -4.32 -5.84
CA THR E 71 -7.54 -3.89 -5.83
C THR E 71 -8.47 -4.99 -5.39
N LEU E 72 -8.25 -6.20 -5.90
CA LEU E 72 -9.11 -7.31 -5.52
C LEU E 72 -9.00 -7.63 -4.04
N ARG E 73 -7.78 -7.62 -3.52
CA ARG E 73 -7.59 -7.90 -2.10
C ARG E 73 -8.34 -6.89 -1.23
N ILE E 74 -8.15 -5.60 -1.50
CA ILE E 74 -8.78 -4.58 -0.65
C ILE E 74 -10.29 -4.55 -0.86
N ALA E 75 -10.75 -4.81 -2.08
CA ALA E 75 -12.18 -4.94 -2.32
C ALA E 75 -12.75 -6.08 -1.47
N TYR E 76 -12.10 -7.24 -1.51
CA TYR E 76 -12.51 -8.37 -0.70
C TYR E 76 -12.59 -7.98 0.79
N LEU E 77 -11.53 -7.40 1.32
CA LEU E 77 -11.46 -7.16 2.76
C LEU E 77 -12.46 -6.09 3.22
N THR E 78 -12.83 -5.19 2.33
CA THR E 78 -13.76 -4.12 2.68
C THR E 78 -15.18 -4.46 2.30
N GLU E 79 -15.39 -5.63 1.70
CA GLU E 79 -16.72 -6.08 1.25
C GLU E 79 -17.32 -5.10 0.23
N ALA E 80 -16.45 -4.52 -0.60
CA ALA E 80 -16.89 -3.62 -1.65
C ALA E 80 -17.71 -4.34 -2.71
N LYS E 81 -18.83 -3.76 -3.09
CA LYS E 81 -19.64 -4.30 -4.15
C LYS E 81 -18.93 -4.12 -5.50
N VAL E 82 -18.73 -5.24 -6.18
CA VAL E 82 -18.23 -5.27 -7.54
C VAL E 82 -19.44 -5.14 -8.47
N GLU E 83 -19.42 -4.13 -9.33
CA GLU E 83 -20.45 -3.94 -10.31
C GLU E 83 -20.26 -4.89 -11.48
N LYS E 84 -19.20 -4.69 -12.25
CA LYS E 84 -18.92 -5.51 -13.42
C LYS E 84 -17.47 -5.94 -13.45
N LEU E 85 -17.23 -7.06 -14.11
CA LEU E 85 -15.90 -7.46 -14.56
C LEU E 85 -15.89 -7.55 -16.07
N CYS E 86 -14.85 -7.01 -16.70
CA CYS E 86 -14.54 -7.28 -18.09
C CYS E 86 -13.51 -8.42 -18.04
N VAL E 87 -13.77 -9.51 -18.76
CA VAL E 87 -12.91 -10.66 -18.70
C VAL E 87 -12.60 -11.20 -20.08
N TRP E 88 -11.43 -11.84 -20.19
CA TRP E 88 -11.15 -12.66 -21.35
C TRP E 88 -11.73 -14.06 -21.09
N ASN E 89 -12.55 -14.52 -22.03
CA ASN E 89 -13.27 -15.78 -21.91
C ASN E 89 -12.62 -16.93 -22.69
N ASN E 90 -11.39 -16.69 -23.18
CA ASN E 90 -10.57 -17.75 -23.77
C ASN E 90 -9.62 -18.38 -22.78
N LYS E 91 -9.84 -18.13 -21.49
CA LYS E 91 -9.06 -18.69 -20.42
C LYS E 91 -10.04 -19.24 -19.39
N THR E 92 -9.61 -20.24 -18.63
CA THR E 92 -10.38 -20.76 -17.52
C THR E 92 -9.46 -20.80 -16.29
N PRO E 93 -9.88 -20.21 -15.17
CA PRO E 93 -11.01 -19.29 -15.05
C PRO E 93 -10.89 -18.11 -16.00
N HIS E 94 -12.02 -17.46 -16.29
CA HIS E 94 -11.95 -16.26 -17.13
C HIS E 94 -10.99 -15.26 -16.47
N ALA E 95 -10.25 -14.56 -17.30
CA ALA E 95 -9.16 -13.71 -16.87
C ALA E 95 -9.60 -12.25 -16.82
N ILE E 96 -9.41 -11.63 -15.68
CA ILE E 96 -9.86 -10.26 -15.47
C ILE E 96 -9.02 -9.25 -16.29
N ALA E 97 -9.74 -8.45 -17.07
CA ALA E 97 -9.19 -7.30 -17.79
C ALA E 97 -9.47 -5.98 -17.09
N ALA E 98 -10.66 -5.85 -16.51
CA ALA E 98 -11.04 -4.62 -15.82
C ALA E 98 -12.12 -4.92 -14.80
N ILE E 99 -12.26 -4.02 -13.83
CA ILE E 99 -13.25 -4.12 -12.76
C ILE E 99 -13.89 -2.76 -12.57
N SER E 100 -15.20 -2.76 -12.31
CA SER E 100 -15.88 -1.56 -11.86
C SER E 100 -16.54 -1.86 -10.50
N MET E 101 -16.47 -0.89 -9.62
CA MET E 101 -17.08 -0.93 -8.30
C MET E 101 -18.04 0.24 -8.16
N ALA E 102 -19.25 -0.06 -7.68
CA ALA E 102 -20.26 0.95 -7.45
C ALA E 102 -21.20 0.36 -6.41
N ASN E 103 -21.78 1.18 -5.57
CA ASN E 103 -22.52 0.64 -4.43
C ASN E 103 -23.90 0.19 -4.79
C1 15B F . -0.65 17.62 -22.06
O1 15B F . 0.28 17.68 -23.08
C7 15B F . 1.46 18.39 -22.73
C8 15B F . 2.32 18.68 -23.76
C9 15B F . 3.47 19.38 -23.46
N14 15B F . 4.32 19.64 -24.46
O15 15B F . 5.34 20.26 -24.23
O16 15B F . 4.07 19.27 -25.60
C10 15B F . 3.75 19.80 -22.15
C11 15B F . 2.85 19.51 -21.11
C12 15B F . 1.69 18.79 -21.41
C13 15B F . 3.06 19.88 -19.77
N18 15B F . 4.23 20.07 -19.40
C19 15B F . 4.61 20.48 -18.07
C20 15B F . 5.08 21.91 -18.29
C21 15B F . 4.15 22.96 -17.73
N22 15B F . 4.80 23.91 -17.17
C23 15B F . 5.88 23.37 -16.34
C24 15B F . 6.61 24.47 -15.61
N25 15B F . 5.70 25.15 -14.71
C28 15B F . 6.28 25.84 -13.88
C35 15B F . 6.55 25.24 -12.80
C36 15B F . 8.00 24.77 -12.65
N37 15B F . 8.45 24.82 -11.28
C26 15B F . 4.71 25.83 -15.55
C27 15B F . 3.94 24.80 -16.40
O17 15B F . 2.14 19.95 -18.94
C2 15B F . -1.95 17.24 -22.75
O2 15B F . -2.33 18.30 -23.60
C3 15B F . -2.97 16.95 -21.65
O3 15B F . -4.15 16.49 -22.27
C4 15B F . -2.43 15.92 -20.65
O4 15B F . -2.36 14.64 -21.28
C5 15B F . -1.09 16.37 -20.10
C6 15B F . -0.44 15.34 -19.17
O6 15B F . 0.74 15.88 -18.57
O5 15B F . -0.20 16.61 -21.18
C1 J15 G . 17.42 21.83 1.39
O1 J15 G . 17.92 21.84 2.69
C7 J15 G . 18.89 20.88 2.98
C8 J15 G . 18.49 19.62 3.42
C9 J15 G . 19.41 18.64 3.74
N14 J15 G . 18.91 17.39 4.13
O15 J15 G . 17.67 17.13 4.17
O16 J15 G . 19.77 16.55 4.40
C10 J15 G . 20.77 18.89 3.62
C11 J15 G . 21.19 20.17 3.19
C12 J15 G . 20.24 21.15 2.87
C13 J15 G . 22.54 20.56 3.04
N18 J15 G . 23.64 19.83 3.28
C19 J15 G . 23.68 18.49 3.84
C20 J15 G . 25.08 18.17 4.36
C21 J15 G . 25.21 18.45 5.85
N22 J15 G . 24.20 18.15 6.55
C23 J15 G . 24.28 18.68 7.90
C24 J15 G . 22.92 18.51 8.58
N25 J15 G . 22.42 17.12 8.60
C28 J15 G . 22.64 16.46 9.67
C35 J15 G . 21.70 15.50 9.83
C36 J15 G . 22.27 14.24 10.46
N37 J15 G . 23.34 13.68 9.68
C26 J15 G . 22.67 16.36 7.36
C27 J15 G . 23.96 16.72 6.64
O17 J15 G . 22.71 21.71 2.67
C2 J15 G . 16.61 23.06 1.06
O2 J15 G . 17.20 24.25 1.54
C3 J15 G . 15.24 22.84 1.72
O3 J15 G . 14.31 23.85 1.36
C4 J15 G . 14.68 21.47 1.38
O4 J15 G . 14.27 21.46 0.00
C5 J15 G . 15.71 20.38 1.65
C6 J15 G . 15.18 19.03 1.21
O6 J15 G . 16.09 18.03 1.59
O5 J15 G . 16.89 20.61 0.91
C1 J15 H . 24.34 -4.74 12.94
O1 J15 H . 24.37 -6.01 13.46
C7 J15 H . 24.47 -7.09 12.62
C8 J15 H . 23.32 -7.52 11.99
C9 J15 H . 23.34 -8.63 11.16
N14 J15 H . 22.17 -9.05 10.50
O15 J15 H . 21.11 -8.43 10.64
O16 J15 H . 22.27 -10.03 9.75
C10 J15 H . 24.54 -9.30 10.95
C11 J15 H . 25.73 -8.88 11.58
C12 J15 H . 25.68 -7.76 12.42
C13 J15 H . 26.98 -9.53 11.40
N18 J15 H . 27.14 -10.63 10.64
C19 J15 H . 26.06 -11.39 9.99
C20 J15 H . 26.39 -12.87 9.86
C21 J15 H . 25.76 -13.64 11.01
N22 J15 H . 24.52 -13.94 10.88
C23 J15 H . 23.86 -14.02 12.17
C24 J15 H . 22.39 -14.43 12.01
N25 J15 H . 22.15 -15.64 11.24
C28 J15 H . 20.91 -15.96 11.24
C35 J15 H . 20.38 -16.41 10.10
C36 J15 H . 20.57 -17.90 9.88
N37 J15 H . 20.23 -18.25 8.51
C26 J15 H . 22.85 -15.53 9.96
C27 J15 H . 24.32 -15.21 10.19
O17 J15 H . 27.94 -9.09 12.00
C2 J15 H . 24.47 -3.69 14.04
O2 J15 H . 25.41 -4.05 15.06
C3 J15 H . 23.06 -3.49 14.62
O3 J15 H . 23.07 -2.39 15.50
C4 J15 H . 22.06 -3.24 13.48
O4 J15 H . 22.34 -1.97 12.88
C5 J15 H . 22.16 -4.34 12.42
C6 J15 H . 21.24 -4.14 11.23
O6 J15 H . 21.33 -5.27 10.40
O5 J15 H . 23.48 -4.45 11.89
C1 15B I . 10.91 -25.61 -3.66
O1 15B I . 11.98 -25.93 -4.48
C7 15B I . 11.65 -26.14 -5.88
C8 15B I . 12.52 -26.93 -6.60
C9 15B I . 12.25 -27.20 -7.93
N14 15B I . 13.09 -27.96 -8.62
O15 15B I . 12.89 -28.21 -9.80
O16 15B I . 14.07 -28.41 -8.04
C10 15B I . 11.12 -26.67 -8.54
C11 15B I . 10.23 -25.87 -7.80
C12 15B I . 10.50 -25.61 -6.46
C13 15B I . 9.09 -25.35 -8.41
N18 15B I . 9.09 -25.17 -9.67
C19 15B I . 7.98 -24.65 -10.49
C20 15B I . 7.32 -25.80 -11.25
C21 15B I . 5.83 -25.83 -10.96
N22 15B I . 5.02 -26.35 -11.81
C23 15B I . 5.28 -25.81 -13.14
C24 15B I . 4.09 -25.90 -14.08
N25 15B I . 2.93 -25.22 -13.54
C28 15B I . 2.03 -25.13 -14.36
C35 15B I . 2.03 -24.01 -14.95
C36 15B I . 2.10 -24.08 -16.48
N37 15B I . 2.75 -22.91 -17.03
C26 15B I . 2.51 -25.94 -12.35
C27 15B I . 3.65 -26.10 -11.34
O17 15B I . 8.12 -25.09 -7.74
C2 15B I . 11.23 -26.02 -2.22
O2 15B I . 11.40 -27.43 -2.18
C3 15B I . 10.10 -25.55 -1.30
O3 15B I . 10.42 -25.83 0.05
C4 15B I . 9.85 -24.04 -1.50
O4 15B I . 10.95 -23.32 -0.92
C5 15B I . 9.69 -23.75 -2.98
C6 15B I . 9.49 -22.26 -3.24
O6 15B I . 9.14 -22.01 -4.61
O5 15B I . 10.81 -24.20 -3.74
C1 15B J . -4.75 -11.98 -24.88
O1 15B J . -3.81 -12.15 -25.87
C7 15B J . -3.58 -10.99 -26.70
C8 15B J . -3.10 -11.22 -27.99
C9 15B J . -2.89 -10.12 -28.83
N14 15B J . -2.44 -10.33 -30.07
O15 15B J . -2.22 -9.39 -30.84
O16 15B J . -2.22 -11.50 -30.44
C10 15B J . -3.14 -8.83 -28.39
C11 15B J . -3.63 -8.59 -27.10
C12 15B J . -3.85 -9.70 -26.25
C13 15B J . -3.94 -7.28 -26.67
N18 15B J . -3.28 -6.31 -27.19
C19 15B J . -3.38 -4.85 -26.94
C20 15B J . -4.27 -4.20 -28.01
C21 15B J . -5.42 -3.41 -27.46
N22 15B J . -6.05 -2.53 -28.19
C23 15B J . -5.14 -1.55 -28.78
C24 15B J . -5.76 -0.14 -28.89
N25 15B J . -6.28 0.37 -27.64
C28 15B J . -6.58 1.54 -27.70
C35 15B J . -5.69 2.30 -27.24
C36 15B J . -5.05 3.26 -28.22
N37 15B J . -3.73 3.69 -27.79
C26 15B J . -7.43 -0.46 -27.28
C27 15B J . -7.04 -1.94 -27.25
O17 15B J . -4.72 -7.12 -25.75
C2 15B J . -5.24 -13.35 -24.45
O2 15B J . -5.90 -13.93 -25.56
C3 15B J . -6.16 -13.21 -23.26
O3 15B J . -6.55 -14.49 -22.79
C4 15B J . -5.49 -12.37 -22.18
O4 15B J . -4.45 -13.17 -21.64
C5 15B J . -4.90 -11.08 -22.73
C6 15B J . -4.12 -10.28 -21.71
O6 15B J . -3.80 -9.00 -22.24
O5 15B J . -4.02 -11.38 -23.80
#